data_5T91
#
_entry.id   5T91
#
_cell.length_a   50.416
_cell.length_b   60.04
_cell.length_c   88.246
_cell.angle_alpha   90.0
_cell.angle_beta   90.0
_cell.angle_gamma   90.0
#
_symmetry.space_group_name_H-M   'P 21 21 21'
#
loop_
_entity.id
_entity.type
_entity.pdbx_description
1 polymer 'Glycerophosphoryl diester phosphodiesterase'
2 non-polymer 'CALCIUM ION'
3 non-polymer BICINE
4 non-polymer 'SODIUM ION'
5 water water
#
_entity_poly.entity_id   1
_entity_poly.type   'polypeptide(L)'
_entity_poly.pdbx_seq_one_letter_code
;GASKGNLLSPDRILTVAHRGASGYVPEHTILSYETAQKMKADFIELDLQMTKDGKLIVMHDEKLDRTTNGMGWVKDHTLA
DIKKLDAGSWFNEAYPEKAKPQYVGLKVPTLEEVLDRFGKHANYYIETKSPDTYPGMEEKLIASLQKHKLLGKHSKPGQV
IIQSFSKESLVKVHQLQPNLPTVQLLEAKQMASMTDAALEEIKTYAVGAGPDYKALNQENVRMIRSHGLLLHPYTVNNEA
DMHRLLDWGVTGVFTNYPDLFHKVKKGY
;
_entity_poly.pdbx_strand_id   A
#
loop_
_chem_comp.id
_chem_comp.type
_chem_comp.name
_chem_comp.formula
BCN non-polymer BICINE 'C6 H13 N O4'
CA non-polymer 'CALCIUM ION' 'Ca 2'
NA non-polymer 'SODIUM ION' 'Na 1'
#
# COMPACT_ATOMS: atom_id res chain seq x y z
N ASN A 6 -12.79 -14.08 -7.52
CA ASN A 6 -11.40 -13.99 -7.11
C ASN A 6 -11.03 -12.57 -6.69
N LEU A 7 -9.77 -12.38 -6.32
CA LEU A 7 -9.29 -11.12 -5.75
C LEU A 7 -9.40 -9.90 -6.67
N LEU A 8 -9.33 -10.13 -7.99
CA LEU A 8 -9.35 -9.03 -8.94
C LEU A 8 -10.75 -8.82 -9.54
N SER A 9 -11.72 -9.58 -9.06
CA SER A 9 -13.08 -9.43 -9.56
C SER A 9 -13.65 -8.09 -9.11
N PRO A 10 -14.25 -7.34 -10.06
CA PRO A 10 -14.85 -6.03 -9.76
C PRO A 10 -15.98 -6.12 -8.74
N ASP A 11 -16.54 -7.31 -8.61
CA ASP A 11 -17.66 -7.52 -7.70
C ASP A 11 -17.18 -7.91 -6.31
N ARG A 12 -15.87 -7.96 -6.13
CA ARG A 12 -15.31 -8.23 -4.81
C ARG A 12 -14.85 -6.94 -4.15
N ILE A 13 -15.21 -6.75 -2.90
CA ILE A 13 -14.80 -5.56 -2.18
C ILE A 13 -13.60 -5.84 -1.30
N LEU A 14 -12.49 -5.18 -1.59
CA LEU A 14 -11.23 -5.46 -0.93
C LEU A 14 -10.90 -4.53 0.23
N THR A 15 -10.47 -5.15 1.31
CA THR A 15 -9.93 -4.43 2.46
C THR A 15 -8.43 -4.36 2.35
N VAL A 16 -7.89 -3.19 2.05
CA VAL A 16 -6.44 -3.03 2.02
C VAL A 16 -5.99 -2.36 3.30
N ALA A 17 -5.26 -3.10 4.12
CA ALA A 17 -4.76 -2.58 5.39
C ALA A 17 -3.54 -1.69 5.13
N HIS A 18 -3.79 -0.39 5.16
CA HIS A 18 -2.83 0.64 4.83
C HIS A 18 -1.69 0.69 5.83
N ARG A 19 -0.49 0.31 5.38
CA ARG A 19 0.66 0.13 6.27
C ARG A 19 0.35 -0.87 7.39
N GLY A 20 -0.54 -1.84 7.11
CA GLY A 20 -0.98 -2.81 8.10
C GLY A 20 -2.17 -2.25 8.86
N ALA A 21 -2.32 -2.68 10.10
CA ALA A 21 -3.38 -2.12 10.96
C ALA A 21 -2.85 -0.85 11.60
N SER A 22 -2.53 0.15 10.78
CA SER A 22 -1.71 1.27 11.23
C SER A 22 -2.47 2.26 12.12
N GLY A 23 -3.79 2.12 12.17
CA GLY A 23 -4.60 2.88 13.11
C GLY A 23 -4.35 2.46 14.55
N TYR A 24 -3.82 1.25 14.75
CA TYR A 24 -3.67 0.70 16.09
C TYR A 24 -2.26 0.32 16.45
N VAL A 25 -1.44 0.10 15.43
CA VAL A 25 -0.09 -0.48 15.56
C VAL A 25 0.86 0.39 14.73
N PRO A 26 2.11 0.59 15.18
CA PRO A 26 3.03 1.40 14.37
C PRO A 26 3.16 0.92 12.92
N GLU A 27 2.98 1.85 11.99
CA GLU A 27 2.92 1.53 10.57
C GLU A 27 4.13 0.73 10.07
N HIS A 28 3.88 -0.13 9.08
CA HIS A 28 4.96 -0.83 8.36
C HIS A 28 5.89 -1.57 9.32
N THR A 29 5.31 -2.29 10.26
CA THR A 29 6.06 -3.21 11.12
C THR A 29 5.44 -4.59 10.96
N ILE A 30 6.20 -5.62 11.27
CA ILE A 30 5.67 -6.97 11.18
C ILE A 30 4.41 -7.09 12.05
N LEU A 31 4.44 -6.51 13.25
CA LEU A 31 3.27 -6.57 14.14
C LEU A 31 2.05 -5.90 13.51
N SER A 32 2.26 -4.79 12.80
CA SER A 32 1.13 -4.13 12.13
C SER A 32 0.48 -5.04 11.10
N TYR A 33 1.33 -5.74 10.34
CA TYR A 33 0.83 -6.64 9.31
C TYR A 33 0.14 -7.85 9.94
N GLU A 34 0.73 -8.39 11.01
CA GLU A 34 0.16 -9.54 11.71
C GLU A 34 -1.22 -9.18 12.22
N THR A 35 -1.34 -7.96 12.74
CA THR A 35 -2.61 -7.48 13.29
C THR A 35 -3.61 -7.33 12.18
N ALA A 36 -3.18 -6.75 11.06
CA ALA A 36 -4.05 -6.66 9.88
C ALA A 36 -4.58 -8.03 9.45
N GLN A 37 -3.70 -9.04 9.46
CA GLN A 37 -4.04 -10.40 9.09
C GLN A 37 -5.10 -10.95 10.03
N LYS A 38 -4.90 -10.76 11.33
CA LYS A 38 -5.86 -11.24 12.31
C LYS A 38 -7.22 -10.53 12.15
N MET A 39 -7.17 -9.30 11.64
CA MET A 39 -8.39 -8.51 11.45
C MET A 39 -9.07 -8.81 10.12
N LYS A 40 -8.56 -9.81 9.42
CA LYS A 40 -9.14 -10.35 8.19
C LYS A 40 -8.98 -9.42 6.99
N ALA A 41 -7.93 -8.59 6.98
CA ALA A 41 -7.69 -7.76 5.82
C ALA A 41 -7.38 -8.63 4.62
N ASP A 42 -7.83 -8.21 3.44
CA ASP A 42 -7.52 -8.93 2.22
C ASP A 42 -6.07 -8.73 1.81
N PHE A 43 -5.59 -7.49 1.93
CA PHE A 43 -4.22 -7.14 1.55
C PHE A 43 -3.49 -6.43 2.68
N ILE A 44 -2.18 -6.65 2.77
CA ILE A 44 -1.34 -5.78 3.59
C ILE A 44 -0.57 -4.87 2.63
N GLU A 45 -0.39 -3.61 3.02
CA GLU A 45 0.13 -2.59 2.11
C GLU A 45 1.54 -2.14 2.52
N LEU A 46 2.46 -2.13 1.54
CA LEU A 46 3.88 -1.84 1.76
C LEU A 46 4.36 -0.65 0.90
N ASP A 47 5.25 0.17 1.47
CA ASP A 47 6.00 1.19 0.74
C ASP A 47 7.46 0.81 0.78
N LEU A 48 8.20 1.03 -0.29
CA LEU A 48 9.61 0.61 -0.32
C LEU A 48 10.58 1.80 -0.33
N GLN A 49 11.69 1.62 0.37
CA GLN A 49 12.83 2.52 0.22
C GLN A 49 14.08 1.68 0.06
N MET A 50 15.12 2.26 -0.51
CA MET A 50 16.34 1.50 -0.70
C MET A 50 17.48 2.05 0.18
N THR A 51 18.17 1.15 0.89
CA THR A 51 19.27 1.53 1.76
C THR A 51 20.53 1.88 0.95
N LYS A 52 21.53 2.42 1.65
CA LYS A 52 22.82 2.76 1.04
C LYS A 52 23.43 1.54 0.35
N ASP A 53 23.28 0.38 0.97
CA ASP A 53 23.86 -0.85 0.41
C ASP A 53 22.84 -1.60 -0.45
N GLY A 54 21.82 -0.87 -0.92
CA GLY A 54 20.95 -1.36 -1.97
C GLY A 54 19.82 -2.30 -1.58
N LYS A 55 19.51 -2.38 -0.30
CA LYS A 55 18.50 -3.31 0.20
C LYS A 55 17.14 -2.61 0.26
N LEU A 56 16.09 -3.36 -0.06
CA LEU A 56 14.72 -2.84 0.02
C LEU A 56 14.18 -3.00 1.41
N ILE A 57 13.85 -1.88 2.05
CA ILE A 57 13.16 -1.92 3.33
C ILE A 57 11.77 -1.34 3.14
N VAL A 58 10.91 -1.60 4.13
CA VAL A 58 9.55 -1.07 4.10
C VAL A 58 9.46 0.18 4.97
N MET A 59 9.22 1.32 4.33
CA MET A 59 9.08 2.58 5.05
C MET A 59 8.37 3.58 4.14
N HIS A 60 7.47 4.39 4.71
CA HIS A 60 6.70 5.28 3.87
C HIS A 60 7.50 6.50 3.40
N ASP A 61 8.23 7.12 4.31
CA ASP A 61 9.04 8.30 4.00
C ASP A 61 10.42 7.94 3.48
N GLU A 62 10.99 8.84 2.67
CA GLU A 62 12.40 8.71 2.25
C GLU A 62 13.38 8.93 3.40
N LYS A 63 12.92 9.57 4.47
CA LYS A 63 13.75 9.85 5.65
C LYS A 63 13.33 9.01 6.84
N LEU A 64 14.30 8.69 7.71
CA LEU A 64 14.06 7.90 8.91
C LEU A 64 13.32 8.65 10.01
N ASP A 65 13.29 9.97 9.90
CA ASP A 65 12.94 10.87 11.00
C ASP A 65 11.58 10.60 11.67
N ARG A 66 10.53 10.45 10.87
CA ARG A 66 9.19 10.43 11.46
C ARG A 66 8.92 9.17 12.27
N THR A 67 9.33 8.02 11.77
CA THR A 67 8.90 6.76 12.35
C THR A 67 9.98 5.96 13.04
N THR A 68 11.17 6.55 13.20
CA THR A 68 12.23 5.90 13.97
C THR A 68 12.94 6.89 14.86
N ASN A 69 13.85 6.38 15.70
CA ASN A 69 14.75 7.23 16.47
C ASN A 69 16.03 7.55 15.68
N GLY A 70 16.00 7.26 14.38
CA GLY A 70 17.08 7.65 13.48
C GLY A 70 16.80 8.97 12.78
N MET A 71 17.81 9.48 12.07
CA MET A 71 17.68 10.74 11.34
CA MET A 71 17.67 10.73 11.34
C MET A 71 18.34 10.65 9.98
N GLY A 72 17.72 11.29 8.99
CA GLY A 72 18.31 11.35 7.66
C GLY A 72 17.67 10.43 6.64
N TRP A 73 18.21 10.48 5.43
CA TRP A 73 17.68 9.70 4.31
C TRP A 73 18.02 8.22 4.46
N VAL A 74 17.04 7.36 4.19
CA VAL A 74 17.23 5.92 4.19
C VAL A 74 18.45 5.54 3.32
N LYS A 75 18.56 6.16 2.16
CA LYS A 75 19.58 5.78 1.19
C LYS A 75 20.99 6.21 1.61
N ASP A 76 21.10 6.96 2.71
CA ASP A 76 22.41 7.29 3.28
C ASP A 76 22.82 6.35 4.40
N HIS A 77 21.95 5.41 4.73
CA HIS A 77 22.20 4.47 5.83
C HIS A 77 22.24 3.02 5.35
N THR A 78 23.10 2.22 5.99
CA THR A 78 23.13 0.81 5.68
C THR A 78 21.96 0.10 6.32
N LEU A 79 21.60 -1.06 5.78
CA LEU A 79 20.57 -1.89 6.38
C LEU A 79 20.91 -2.23 7.82
N ALA A 80 22.17 -2.58 8.07
CA ALA A 80 22.61 -3.00 9.40
C ALA A 80 22.31 -1.92 10.45
N ASP A 81 22.57 -0.67 10.10
CA ASP A 81 22.30 0.43 11.03
C ASP A 81 20.80 0.67 11.17
N ILE A 82 20.07 0.53 10.08
CA ILE A 82 18.61 0.70 10.13
C ILE A 82 17.97 -0.35 11.02
N LYS A 83 18.49 -1.58 10.99
CA LYS A 83 17.92 -2.66 11.79
C LYS A 83 18.12 -2.45 13.29
N LYS A 84 18.99 -1.51 13.67
CA LYS A 84 19.20 -1.19 15.08
C LYS A 84 18.13 -0.23 15.63
N LEU A 85 17.43 0.45 14.72
CA LEU A 85 16.51 1.52 15.10
C LEU A 85 15.22 1.02 15.74
N ASP A 86 14.61 1.92 16.51
CA ASP A 86 13.30 1.72 17.14
C ASP A 86 12.24 2.33 16.23
N ALA A 87 11.42 1.48 15.60
CA ALA A 87 10.38 1.95 14.68
C ALA A 87 8.98 1.89 15.30
N GLY A 88 8.92 1.86 16.63
CA GLY A 88 7.63 1.77 17.32
C GLY A 88 7.34 2.87 18.33
N SER A 89 8.36 3.38 19.00
CA SER A 89 8.16 4.37 20.06
C SER A 89 7.50 5.65 19.58
N TRP A 90 7.76 6.02 18.32
CA TRP A 90 7.20 7.24 17.73
C TRP A 90 5.67 7.24 17.82
N PHE A 91 5.09 6.05 17.65
CA PHE A 91 3.64 5.88 17.67
C PHE A 91 3.10 6.16 19.07
N ASN A 92 3.79 5.63 20.08
CA ASN A 92 3.36 5.85 21.47
C ASN A 92 3.41 7.34 21.81
N GLU A 93 4.37 8.05 21.22
CA GLU A 93 4.48 9.49 21.46
C GLU A 93 3.41 10.28 20.70
N ALA A 94 3.16 9.90 19.46
CA ALA A 94 2.21 10.61 18.60
C ALA A 94 0.77 10.39 19.06
N TYR A 95 0.49 9.20 19.56
CA TYR A 95 -0.88 8.82 19.93
C TYR A 95 -0.89 8.17 21.31
N PRO A 96 -0.68 8.98 22.36
CA PRO A 96 -0.54 8.46 23.71
C PRO A 96 -1.76 7.67 24.19
N GLU A 97 -2.93 7.97 23.64
CA GLU A 97 -4.15 7.25 24.00
C GLU A 97 -4.18 5.84 23.40
N LYS A 98 -3.33 5.60 22.41
CA LYS A 98 -3.22 4.30 21.76
C LYS A 98 -1.93 3.57 22.11
N ALA A 99 -1.14 4.14 23.02
CA ALA A 99 0.19 3.62 23.30
C ALA A 99 0.16 2.22 23.90
N LYS A 100 1.15 1.40 23.54
CA LYS A 100 1.31 0.07 24.11
C LYS A 100 2.78 -0.20 24.39
N PRO A 101 3.09 -0.82 25.54
CA PRO A 101 4.50 -1.05 25.91
C PRO A 101 5.24 -1.88 24.87
N GLN A 102 4.54 -2.80 24.23
CA GLN A 102 5.16 -3.74 23.30
C GLN A 102 5.59 -3.05 22.01
N TYR A 103 5.14 -1.81 21.81
CA TYR A 103 5.52 -1.09 20.61
C TYR A 103 6.94 -0.54 20.72
N VAL A 104 7.48 -0.47 21.94
CA VAL A 104 8.85 0.02 22.10
C VAL A 104 9.85 -1.00 21.54
N GLY A 105 10.62 -0.58 20.53
CA GLY A 105 11.70 -1.40 20.01
C GLY A 105 11.31 -2.23 18.81
N LEU A 106 10.11 -2.03 18.29
CA LEU A 106 9.71 -2.64 17.02
C LEU A 106 10.70 -2.23 15.94
N LYS A 107 10.96 -3.11 14.98
CA LYS A 107 11.99 -2.84 14.00
C LYS A 107 11.43 -2.57 12.61
N VAL A 108 12.22 -1.84 11.83
CA VAL A 108 11.96 -1.66 10.41
C VAL A 108 12.18 -2.99 9.71
N PRO A 109 11.16 -3.52 9.02
CA PRO A 109 11.37 -4.78 8.29
C PRO A 109 11.90 -4.55 6.89
N THR A 110 12.64 -5.51 6.38
CA THR A 110 12.96 -5.52 4.95
C THR A 110 11.77 -6.10 4.20
N LEU A 111 11.71 -5.85 2.90
CA LEU A 111 10.73 -6.53 2.06
C LEU A 111 10.84 -8.05 2.22
N GLU A 112 12.09 -8.52 2.21
CA GLU A 112 12.36 -9.94 2.38
C GLU A 112 11.75 -10.49 3.66
N GLU A 113 11.85 -9.75 4.75
CA GLU A 113 11.31 -10.23 6.02
C GLU A 113 9.78 -10.30 6.00
N VAL A 114 9.11 -9.37 5.32
CA VAL A 114 7.65 -9.40 5.25
C VAL A 114 7.18 -10.59 4.42
N LEU A 115 7.83 -10.78 3.25
CA LEU A 115 7.47 -11.89 2.39
C LEU A 115 7.77 -13.22 3.07
N ASP A 116 8.89 -13.30 3.79
CA ASP A 116 9.24 -14.52 4.49
C ASP A 116 8.26 -14.81 5.63
N ARG A 117 7.85 -13.75 6.31
CA ARG A 117 6.89 -13.87 7.41
C ARG A 117 5.57 -14.45 6.96
N PHE A 118 4.99 -13.93 5.87
CA PHE A 118 3.65 -14.40 5.52
C PHE A 118 3.52 -15.38 4.35
N GLY A 119 4.52 -15.45 3.48
CA GLY A 119 4.46 -16.30 2.31
C GLY A 119 3.18 -16.09 1.51
N LYS A 120 2.55 -17.20 1.14
CA LYS A 120 1.33 -17.13 0.35
C LYS A 120 0.11 -16.84 1.23
N HIS A 121 0.33 -16.67 2.54
CA HIS A 121 -0.78 -16.50 3.47
C HIS A 121 -1.29 -15.07 3.53
N ALA A 122 -0.52 -14.16 2.94
CA ALA A 122 -0.97 -12.77 2.79
C ALA A 122 -0.99 -12.40 1.32
N ASN A 123 -1.81 -11.39 0.99
CA ASN A 123 -1.77 -10.76 -0.31
C ASN A 123 -1.14 -9.40 -0.12
N TYR A 124 -0.26 -9.00 -1.03
CA TYR A 124 0.58 -7.82 -0.84
C TYR A 124 0.25 -6.70 -1.80
N TYR A 125 0.10 -5.48 -1.27
CA TYR A 125 -0.16 -4.31 -2.09
C TYR A 125 1.08 -3.44 -1.98
N ILE A 126 1.95 -3.44 -3.00
CA ILE A 126 3.29 -2.87 -2.83
C ILE A 126 3.55 -1.67 -3.73
N GLU A 127 4.03 -0.57 -3.13
CA GLU A 127 4.30 0.64 -3.90
C GLU A 127 5.67 0.60 -4.58
N THR A 128 5.71 1.11 -5.80
CA THR A 128 6.97 1.42 -6.46
C THR A 128 7.08 2.94 -6.70
N LYS A 129 8.29 3.40 -6.94
CA LYS A 129 8.57 4.82 -7.17
C LYS A 129 8.85 5.02 -8.65
N SER A 130 8.95 6.27 -9.07
CA SER A 130 9.44 6.56 -10.41
C SER A 130 10.79 5.87 -10.55
N PRO A 131 11.06 5.30 -11.73
CA PRO A 131 12.22 4.42 -11.90
C PRO A 131 13.56 5.12 -11.63
N ASP A 132 13.58 6.44 -11.72
CA ASP A 132 14.79 7.21 -11.49
C ASP A 132 15.10 7.40 -10.00
N THR A 133 14.12 7.18 -9.14
CA THR A 133 14.29 7.43 -7.71
C THR A 133 15.31 6.48 -7.07
N TYR A 134 15.07 5.18 -7.22
CA TYR A 134 15.97 4.15 -6.74
C TYR A 134 16.21 3.14 -7.85
N PRO A 135 17.15 3.41 -8.75
CA PRO A 135 17.37 2.55 -9.91
C PRO A 135 17.47 1.07 -9.55
N GLY A 136 16.73 0.25 -10.28
CA GLY A 136 16.70 -1.18 -10.03
C GLY A 136 15.72 -1.61 -8.98
N MET A 137 14.90 -0.69 -8.48
CA MET A 137 13.95 -1.05 -7.43
C MET A 137 12.93 -2.05 -7.96
N GLU A 138 12.37 -1.80 -9.14
CA GLU A 138 11.34 -2.67 -9.68
C GLU A 138 11.88 -4.07 -9.94
N GLU A 139 13.09 -4.14 -10.45
CA GLU A 139 13.70 -5.43 -10.77
C GLU A 139 13.98 -6.23 -9.50
N LYS A 140 14.47 -5.56 -8.46
CA LYS A 140 14.72 -6.21 -7.19
C LYS A 140 13.42 -6.68 -6.56
N LEU A 141 12.39 -5.84 -6.64
CA LEU A 141 11.08 -6.23 -6.16
C LEU A 141 10.58 -7.49 -6.85
N ILE A 142 10.63 -7.49 -8.17
CA ILE A 142 10.14 -8.63 -8.94
C ILE A 142 10.92 -9.87 -8.55
N ALA A 143 12.25 -9.75 -8.46
CA ALA A 143 13.05 -10.91 -8.10
C ALA A 143 12.74 -11.44 -6.70
N SER A 144 12.45 -10.53 -5.77
CA SER A 144 12.08 -10.93 -4.42
C SER A 144 10.74 -11.67 -4.42
N LEU A 145 9.79 -11.16 -5.19
CA LEU A 145 8.49 -11.83 -5.32
C LEU A 145 8.65 -13.22 -5.91
N GLN A 146 9.53 -13.35 -6.91
CA GLN A 146 9.77 -14.63 -7.55
C GLN A 146 10.43 -15.62 -6.59
N LYS A 147 11.34 -15.11 -5.76
CA LYS A 147 11.97 -15.92 -4.73
C LYS A 147 10.97 -16.61 -3.82
N HIS A 148 9.90 -15.89 -3.48
CA HIS A 148 8.87 -16.42 -2.58
C HIS A 148 7.71 -17.01 -3.35
N LYS A 149 7.94 -17.22 -4.66
CA LYS A 149 7.02 -17.92 -5.55
C LYS A 149 5.66 -17.24 -5.56
N LEU A 150 5.69 -15.91 -5.58
CA LEU A 150 4.48 -15.12 -5.56
C LEU A 150 4.13 -14.61 -6.96
N LEU A 151 4.95 -14.96 -7.94
CA LEU A 151 4.67 -14.63 -9.33
C LEU A 151 4.66 -15.88 -10.21
N PRO A 157 -3.90 -14.72 -9.89
CA PRO A 157 -3.24 -13.53 -9.38
C PRO A 157 -4.06 -12.79 -8.32
N GLY A 158 -3.64 -11.58 -8.01
CA GLY A 158 -4.19 -10.89 -6.85
C GLY A 158 -3.30 -11.16 -5.65
N GLN A 159 -2.42 -12.15 -5.76
CA GLN A 159 -1.45 -12.43 -4.70
C GLN A 159 -0.65 -11.18 -4.42
N VAL A 160 -0.32 -10.46 -5.48
CA VAL A 160 0.41 -9.20 -5.38
C VAL A 160 -0.21 -8.19 -6.34
N ILE A 161 -0.45 -6.98 -5.82
CA ILE A 161 -0.81 -5.86 -6.66
C ILE A 161 0.25 -4.79 -6.47
N ILE A 162 0.75 -4.21 -7.56
CA ILE A 162 1.72 -3.13 -7.50
C ILE A 162 1.02 -1.79 -7.67
N GLN A 163 1.24 -0.86 -6.75
CA GLN A 163 0.66 0.47 -6.83
C GLN A 163 1.74 1.49 -7.08
N SER A 164 1.41 2.54 -7.82
CA SER A 164 2.37 3.64 -7.95
C SER A 164 1.75 4.93 -8.46
N PHE A 165 2.26 6.07 -7.99
CA PHE A 165 1.94 7.35 -8.63
C PHE A 165 2.59 7.46 -10.01
N SER A 166 3.71 6.75 -10.21
CA SER A 166 4.48 6.82 -11.45
C SER A 166 3.93 5.93 -12.56
N LYS A 167 3.38 6.55 -13.60
CA LYS A 167 2.94 5.79 -14.77
C LYS A 167 4.09 4.99 -15.40
N GLU A 168 5.26 5.60 -15.52
CA GLU A 168 6.39 4.92 -16.13
C GLU A 168 6.79 3.65 -15.39
N SER A 169 6.74 3.72 -14.06
CA SER A 169 7.02 2.53 -13.26
C SER A 169 6.02 1.41 -13.55
N LEU A 170 4.74 1.73 -13.58
CA LEU A 170 3.74 0.69 -13.83
C LEU A 170 3.82 0.14 -15.26
N VAL A 171 4.12 0.98 -16.23
CA VAL A 171 4.30 0.50 -17.60
C VAL A 171 5.50 -0.45 -17.67
N LYS A 172 6.58 -0.05 -17.00
CA LYS A 172 7.77 -0.90 -16.90
C LYS A 172 7.42 -2.25 -16.28
N VAL A 173 6.72 -2.23 -15.16
CA VAL A 173 6.30 -3.47 -14.50
C VAL A 173 5.46 -4.33 -15.43
N HIS A 174 4.51 -3.70 -16.12
CA HIS A 174 3.57 -4.39 -16.97
C HIS A 174 4.26 -5.04 -18.18
N GLN A 175 5.34 -4.43 -18.66
CA GLN A 175 6.06 -5.07 -19.75
C GLN A 175 7.05 -6.13 -19.24
N LEU A 176 7.57 -5.95 -18.03
CA LEU A 176 8.42 -6.97 -17.42
C LEU A 176 7.61 -8.20 -16.98
N GLN A 177 6.46 -7.95 -16.36
CA GLN A 177 5.58 -9.01 -15.87
C GLN A 177 4.12 -8.72 -16.20
N PRO A 178 3.70 -9.06 -17.43
CA PRO A 178 2.36 -8.74 -17.95
C PRO A 178 1.19 -9.21 -17.09
N ASN A 179 1.42 -10.22 -16.25
CA ASN A 179 0.35 -10.76 -15.41
C ASN A 179 0.47 -10.28 -13.97
N LEU A 180 1.26 -9.24 -13.77
CA LEU A 180 1.39 -8.62 -12.45
C LEU A 180 0.50 -7.38 -12.40
N PRO A 181 -0.66 -7.49 -11.72
CA PRO A 181 -1.67 -6.43 -11.67
C PRO A 181 -1.11 -5.13 -11.11
N THR A 182 -1.37 -4.01 -11.77
CA THR A 182 -0.96 -2.72 -11.25
C THR A 182 -2.13 -1.80 -11.04
N VAL A 183 -1.92 -0.81 -10.18
CA VAL A 183 -2.92 0.19 -9.85
C VAL A 183 -2.29 1.58 -9.87
N GLN A 184 -2.84 2.42 -10.73
CA GLN A 184 -2.43 3.81 -10.89
C GLN A 184 -2.94 4.66 -9.75
N LEU A 185 -2.03 5.11 -8.90
CA LEU A 185 -2.37 6.03 -7.81
C LEU A 185 -2.58 7.43 -8.35
N LEU A 186 -3.58 8.12 -7.82
CA LEU A 186 -3.93 9.45 -8.31
C LEU A 186 -4.09 10.44 -7.16
N GLU A 187 -3.35 11.56 -7.25
CA GLU A 187 -3.51 12.62 -6.28
C GLU A 187 -4.82 13.37 -6.53
N ALA A 188 -5.24 14.17 -5.56
CA ALA A 188 -6.52 14.86 -5.62
C ALA A 188 -6.75 15.62 -6.92
N LYS A 189 -5.78 16.44 -7.32
CA LYS A 189 -5.96 17.27 -8.49
C LYS A 189 -5.98 16.46 -9.79
N GLN A 190 -5.25 15.35 -9.81
CA GLN A 190 -5.28 14.44 -10.95
C GLN A 190 -6.67 13.85 -11.14
N MET A 191 -7.25 13.40 -10.04
CA MET A 191 -8.56 12.79 -10.04
C MET A 191 -9.62 13.83 -10.41
N ALA A 192 -9.42 15.05 -9.93
CA ALA A 192 -10.34 16.16 -10.19
C ALA A 192 -10.54 16.40 -11.68
N SER A 193 -9.49 16.20 -12.46
CA SER A 193 -9.55 16.48 -13.90
C SER A 193 -9.48 15.22 -14.75
N MET A 194 -9.85 14.09 -14.17
CA MET A 194 -9.85 12.81 -14.88
C MET A 194 -10.82 12.81 -16.07
N THR A 195 -10.40 12.18 -17.16
CA THR A 195 -11.24 12.03 -18.36
C THR A 195 -11.33 10.57 -18.77
N ASP A 196 -12.29 10.24 -19.63
CA ASP A 196 -12.45 8.88 -20.13
C ASP A 196 -11.22 8.40 -20.90
N ALA A 197 -10.60 9.32 -21.63
CA ALA A 197 -9.40 9.01 -22.41
C ALA A 197 -8.27 8.54 -21.51
N ALA A 198 -8.07 9.29 -20.42
CA ALA A 198 -7.01 8.99 -19.45
C ALA A 198 -7.24 7.65 -18.77
N LEU A 199 -8.50 7.35 -18.44
CA LEU A 199 -8.84 6.08 -17.82
C LEU A 199 -8.61 4.93 -18.81
N GLU A 200 -8.93 5.20 -20.07
CA GLU A 200 -8.72 4.22 -21.13
C GLU A 200 -7.22 3.92 -21.28
N GLU A 201 -6.41 4.96 -21.14
CA GLU A 201 -4.96 4.80 -21.14
C GLU A 201 -4.50 3.96 -19.95
N ILE A 202 -4.98 4.31 -18.76
CA ILE A 202 -4.65 3.58 -17.54
C ILE A 202 -4.95 2.09 -17.67
N LYS A 203 -6.11 1.77 -18.26
CA LYS A 203 -6.57 0.39 -18.37
C LYS A 203 -5.61 -0.51 -19.18
N THR A 204 -4.74 0.09 -19.98
CA THR A 204 -3.85 -0.68 -20.85
C THR A 204 -2.72 -1.36 -20.07
N TYR A 205 -2.41 -0.82 -18.88
CA TYR A 205 -1.34 -1.39 -18.07
C TYR A 205 -1.79 -1.66 -16.63
N ALA A 206 -2.91 -1.05 -16.23
CA ALA A 206 -3.40 -1.17 -14.86
C ALA A 206 -4.79 -1.82 -14.81
N VAL A 207 -5.05 -2.53 -13.72
CA VAL A 207 -6.34 -3.16 -13.49
C VAL A 207 -7.25 -2.24 -12.68
N GLY A 208 -6.67 -1.18 -12.12
CA GLY A 208 -7.44 -0.30 -11.26
C GLY A 208 -6.83 1.08 -11.01
N ALA A 209 -7.60 1.93 -10.35
CA ALA A 209 -7.15 3.26 -9.97
C ALA A 209 -7.26 3.45 -8.47
N GLY A 210 -6.36 4.25 -7.90
CA GLY A 210 -6.35 4.51 -6.48
C GLY A 210 -6.22 5.99 -6.20
N PRO A 211 -7.36 6.72 -6.18
CA PRO A 211 -7.38 8.16 -5.97
C PRO A 211 -7.50 8.58 -4.50
N ASP A 212 -7.01 9.78 -4.19
CA ASP A 212 -7.35 10.43 -2.94
C ASP A 212 -8.88 10.48 -2.85
N TYR A 213 -9.45 9.90 -1.81
CA TYR A 213 -10.91 9.74 -1.74
C TYR A 213 -11.62 11.08 -1.69
N LYS A 214 -10.91 12.12 -1.29
CA LYS A 214 -11.54 13.44 -1.13
C LYS A 214 -11.97 14.04 -2.46
N ALA A 215 -11.41 13.54 -3.55
CA ALA A 215 -11.71 14.06 -4.88
C ALA A 215 -12.81 13.27 -5.57
N LEU A 216 -13.35 12.27 -4.88
CA LEU A 216 -14.36 11.40 -5.47
C LEU A 216 -15.76 11.96 -5.29
N ASN A 217 -16.60 11.73 -6.30
CA ASN A 217 -18.04 11.95 -6.21
C ASN A 217 -18.74 10.83 -6.98
N GLN A 218 -20.08 10.82 -6.97
CA GLN A 218 -20.79 9.71 -7.61
C GLN A 218 -20.46 9.56 -9.09
N GLU A 219 -20.32 10.70 -9.78
CA GLU A 219 -20.15 10.69 -11.21
C GLU A 219 -18.79 10.13 -11.64
N ASN A 220 -17.71 10.59 -11.02
CA ASN A 220 -16.41 10.11 -11.47
C ASN A 220 -16.13 8.70 -10.97
N VAL A 221 -16.78 8.30 -9.87
CA VAL A 221 -16.75 6.90 -9.45
C VAL A 221 -17.43 6.05 -10.53
N ARG A 222 -18.63 6.46 -10.96
CA ARG A 222 -19.31 5.73 -12.03
C ARG A 222 -18.43 5.68 -13.29
N MET A 223 -17.75 6.78 -13.57
CA MET A 223 -16.90 6.88 -14.76
C MET A 223 -15.72 5.91 -14.71
N ILE A 224 -15.02 5.87 -13.58
CA ILE A 224 -13.92 4.94 -13.41
C ILE A 224 -14.44 3.52 -13.56
N ARG A 225 -15.55 3.23 -12.89
CA ARG A 225 -16.14 1.89 -12.95
C ARG A 225 -16.55 1.49 -14.36
N SER A 226 -16.87 2.48 -15.20
CA SER A 226 -17.36 2.20 -16.55
C SER A 226 -16.27 1.62 -17.45
N HIS A 227 -15.02 1.85 -17.09
CA HIS A 227 -13.90 1.31 -17.85
C HIS A 227 -13.45 -0.05 -17.32
N GLY A 228 -14.25 -0.62 -16.42
CA GLY A 228 -13.96 -1.94 -15.87
C GLY A 228 -12.77 -1.94 -14.93
N LEU A 229 -12.40 -0.75 -14.47
CA LEU A 229 -11.27 -0.59 -13.54
C LEU A 229 -11.69 -0.84 -12.10
N LEU A 230 -10.80 -1.44 -11.31
CA LEU A 230 -11.01 -1.52 -9.87
C LEU A 230 -10.82 -0.13 -9.29
N LEU A 231 -11.39 0.14 -8.12
CA LEU A 231 -11.35 1.48 -7.56
C LEU A 231 -11.11 1.41 -6.06
N HIS A 232 -9.89 1.77 -5.66
CA HIS A 232 -9.45 1.68 -4.27
C HIS A 232 -8.95 3.04 -3.78
N PRO A 233 -9.87 3.90 -3.30
CA PRO A 233 -9.42 5.19 -2.77
C PRO A 233 -8.65 5.08 -1.46
N TYR A 234 -7.81 6.07 -1.20
CA TYR A 234 -7.06 6.19 0.06
C TYR A 234 -7.29 7.58 0.62
N THR A 235 -7.08 7.79 1.92
CA THR A 235 -6.95 6.74 2.93
C THR A 235 -8.20 6.84 3.76
N VAL A 236 -9.06 5.82 3.68
CA VAL A 236 -10.42 5.96 4.19
C VAL A 236 -10.52 5.36 5.57
N ASN A 237 -10.65 6.23 6.57
CA ASN A 237 -10.59 5.79 7.97
C ASN A 237 -11.89 6.00 8.73
N ASN A 238 -12.75 6.88 8.22
CA ASN A 238 -14.01 7.20 8.89
C ASN A 238 -15.14 6.38 8.32
N GLU A 239 -15.95 5.81 9.22
CA GLU A 239 -17.08 4.95 8.87
C GLU A 239 -18.06 5.60 7.88
N ALA A 240 -18.38 6.87 8.13
CA ALA A 240 -19.32 7.59 7.28
C ALA A 240 -18.81 7.63 5.82
N ASP A 241 -17.50 7.83 5.68
CA ASP A 241 -16.88 7.88 4.37
C ASP A 241 -16.87 6.50 3.73
N MET A 242 -16.62 5.47 4.52
CA MET A 242 -16.64 4.10 4.02
C MET A 242 -18.00 3.82 3.39
N HIS A 243 -19.06 4.13 4.14
CA HIS A 243 -20.39 3.91 3.64
C HIS A 243 -20.67 4.71 2.36
N ARG A 244 -20.32 5.99 2.38
CA ARG A 244 -20.62 6.83 1.20
C ARG A 244 -19.92 6.30 -0.05
N LEU A 245 -18.64 6.00 0.10
CA LEU A 245 -17.85 5.52 -1.02
C LEU A 245 -18.35 4.17 -1.55
N LEU A 246 -18.68 3.26 -0.64
CA LEU A 246 -19.24 1.97 -1.06
C LEU A 246 -20.60 2.12 -1.76
N ASP A 247 -21.45 3.00 -1.24
CA ASP A 247 -22.72 3.29 -1.91
C ASP A 247 -22.51 3.85 -3.31
N TRP A 248 -21.49 4.68 -3.47
CA TRP A 248 -21.16 5.23 -4.77
C TRP A 248 -20.65 4.15 -5.73
N GLY A 249 -19.97 3.13 -5.19
CA GLY A 249 -19.53 2.01 -5.99
C GLY A 249 -18.04 1.75 -6.07
N VAL A 250 -17.27 2.18 -5.07
CA VAL A 250 -15.84 1.83 -5.08
C VAL A 250 -15.72 0.34 -4.78
N THR A 251 -14.58 -0.26 -5.15
CA THR A 251 -14.46 -1.72 -5.08
C THR A 251 -13.52 -2.17 -3.97
N GLY A 252 -13.13 -1.23 -3.11
CA GLY A 252 -12.28 -1.51 -1.97
C GLY A 252 -11.74 -0.21 -1.42
N VAL A 253 -11.04 -0.25 -0.29
CA VAL A 253 -10.34 0.97 0.16
C VAL A 253 -8.99 0.65 0.78
N PHE A 254 -8.09 1.64 0.75
CA PHE A 254 -6.94 1.64 1.65
C PHE A 254 -7.39 2.25 2.96
N THR A 255 -7.31 1.49 4.05
CA THR A 255 -7.71 2.00 5.36
C THR A 255 -6.70 1.68 6.45
N ASN A 256 -6.55 2.59 7.41
CA ASN A 256 -5.71 2.32 8.57
C ASN A 256 -6.48 1.48 9.58
N TYR A 257 -7.78 1.30 9.34
CA TYR A 257 -8.68 0.60 10.27
C TYR A 257 -9.38 -0.57 9.59
N PRO A 258 -8.62 -1.63 9.26
CA PRO A 258 -9.20 -2.71 8.46
C PRO A 258 -10.35 -3.45 9.13
N ASP A 259 -10.38 -3.51 10.46
CA ASP A 259 -11.48 -4.20 11.11
C ASP A 259 -12.78 -3.43 10.88
N LEU A 260 -12.69 -2.10 10.95
CA LEU A 260 -13.88 -1.25 10.75
C LEU A 260 -14.43 -1.46 9.35
N PHE A 261 -13.54 -1.43 8.36
CA PHE A 261 -13.98 -1.55 6.98
C PHE A 261 -14.53 -2.94 6.72
N HIS A 262 -13.90 -3.96 7.32
CA HIS A 262 -14.44 -5.31 7.26
C HIS A 262 -15.89 -5.35 7.74
N LYS A 263 -16.15 -4.70 8.86
CA LYS A 263 -17.52 -4.63 9.38
C LYS A 263 -18.47 -3.92 8.41
N VAL A 264 -18.04 -2.76 7.91
CA VAL A 264 -18.90 -1.93 7.07
C VAL A 264 -19.26 -2.58 5.73
N LYS A 265 -18.26 -3.16 5.08
CA LYS A 265 -18.44 -3.63 3.71
C LYS A 265 -19.41 -4.81 3.59
N LYS A 266 -19.75 -5.43 4.72
CA LYS A 266 -20.72 -6.52 4.72
C LYS A 266 -22.09 -6.08 4.18
N GLY A 267 -22.33 -4.77 4.17
CA GLY A 267 -23.60 -4.24 3.71
C GLY A 267 -23.65 -3.88 2.25
N TYR A 268 -22.58 -4.21 1.53
CA TYR A 268 -22.37 -3.80 0.15
C TYR A 268 -21.76 -4.95 -0.67
CA CA B . 0.00 4.24 1.00
N1 BCN C . -0.48 6.07 -0.69
C1 BCN C . -1.03 7.24 -0.02
C2 BCN C . -0.39 7.37 1.34
O21 BCN C . 0.25 6.42 1.82
O22 BCN C . -0.50 8.45 2.00
C3 BCN C . -1.42 5.66 -1.71
C4 BCN C . -2.34 4.57 -1.16
O4 BCN C . -1.57 3.50 -0.68
C5 BCN C . 0.82 6.40 -1.28
C6 BCN C . 1.71 5.11 -1.40
O6 BCN C . 1.81 4.41 -0.16
NA NA D . 12.23 10.43 15.24
#